data_8Q61
#
_entry.id   8Q61
#
_cell.length_a   63.667
_cell.length_b   113.885
_cell.length_c   73.048
_cell.angle_alpha   90.00
_cell.angle_beta   90.00
_cell.angle_gamma   90.00
#
_symmetry.space_group_name_H-M   'P 21 21 21'
#
loop_
_entity.id
_entity.type
_entity.pdbx_description
1 polymer 'RAC-beta serine/threonine-protein kinase'
2 non-polymer 6-[4-(1-azanyl-3-methyl-3-oxidanyl-cyclobutyl)phenyl]-7-phenyl-1-propyl-pyrido[2,3-b][1,4]oxazin-2-one
3 non-polymer GLYCEROL
4 non-polymer 'PHOSPHATE ION'
5 non-polymer '2-(N-MORPHOLINO)-ETHANESULFONIC ACID'
6 water water
#
_entity_poly.entity_id   1
_entity_poly.type   'polypeptide(L)'
_entity_poly.pdbx_seq_one_letter_code
;GAMDEVSVIKEGWLHKRGEYIKTWRPRYFLLKSDGSFIGYKERPEAPDQTLPPLNNFSVAECQLMKTERPRPNTFVIRCL
QWTTVIERTFHVDSPDEREEWMRAIQMVANSLKQRAPGEDPMDYKCGSPSDSSTTEEMEVAVSKARAKVTMNDFDYLKLL
GKGTFGKVILVREKATGRYYAMKILRKEVIIAKDEVAHTVTESRVLQNTRHPFLTALKYAFQTHDRLCFVMEYANGGELF
FHLSRERVFTEERARFYGAEIVSALEYLHSRDVVYRDIKLENLMLDKDGHIKITDFGLCKEGISDGATMKTFCGTPEYLA
PEVLEDNDYGRAVDWWGLGVVMYEMMCGRLPFYNQDHERLFELILMEEIRFPRTLSPEAKSLLAGLLKKDPKQRLGGGPS
DAKEVMEHRFFLSINWQDVVQKKLLPPFKPQVTSEVDTRYFDDEFTAQSITITPPDRYDSLGLLELDQRTHFPQFSYSAS
IRE
;
_entity_poly.pdbx_strand_id   A
#
# COMPACT_ATOMS: atom_id res chain seq x y z
N GLY A 1 -25.09 10.73 -15.61
CA GLY A 1 -25.14 9.74 -16.74
C GLY A 1 -23.82 9.54 -17.47
N ALA A 2 -23.63 8.34 -18.02
CA ALA A 2 -22.39 7.97 -18.73
C ALA A 2 -22.24 8.62 -20.12
N MET A 3 -23.36 8.77 -20.84
CA MET A 3 -23.38 9.45 -22.17
C MET A 3 -23.16 10.96 -22.12
N ASP A 4 -23.44 11.58 -20.97
CA ASP A 4 -23.27 13.02 -20.79
C ASP A 4 -21.80 13.38 -20.71
N GLU A 5 -21.45 14.59 -21.17
CA GLU A 5 -20.12 15.15 -20.95
C GLU A 5 -19.86 15.28 -19.44
N VAL A 6 -18.61 15.04 -19.03
CA VAL A 6 -18.18 15.30 -17.66
C VAL A 6 -18.08 16.82 -17.52
N SER A 7 -18.65 17.34 -16.43
CA SER A 7 -18.75 18.77 -16.18
C SER A 7 -18.15 19.12 -14.82
N VAL A 8 -17.77 20.38 -14.68
CA VAL A 8 -17.19 20.90 -13.45
C VAL A 8 -18.33 21.34 -12.55
N ILE A 9 -18.39 20.77 -11.35
CA ILE A 9 -19.41 21.12 -10.34
C ILE A 9 -18.96 22.34 -9.56
N LYS A 10 -17.73 22.28 -9.05
CA LYS A 10 -17.13 23.38 -8.30
C LYS A 10 -15.63 23.37 -8.54
N GLU A 11 -15.04 24.56 -8.61
CA GLU A 11 -13.62 24.72 -8.80
C GLU A 11 -13.07 25.94 -8.08
N GLY A 12 -11.79 25.86 -7.72
CA GLY A 12 -11.17 26.90 -6.95
C GLY A 12 -9.90 26.43 -6.27
N TRP A 13 -9.26 27.41 -5.62
CA TRP A 13 -8.03 27.19 -4.89
C TRP A 13 -8.32 26.58 -3.52
N LEU A 14 -7.52 25.59 -3.16
CA LEU A 14 -7.48 24.99 -1.83
C LEU A 14 -6.03 24.87 -1.41
N HIS A 15 -5.80 24.86 -0.10
CA HIS A 15 -4.52 24.44 0.46
C HIS A 15 -4.65 22.95 0.76
N LYS A 16 -3.67 22.19 0.30
CA LYS A 16 -3.65 20.73 0.47
C LYS A 16 -2.36 20.32 1.15
N ARG A 17 -2.46 19.39 2.08
CA ARG A 17 -1.31 18.77 2.75
C ARG A 17 -0.82 17.64 1.82
N GLY A 18 0.49 17.57 1.58
CA GLY A 18 1.07 16.51 0.75
C GLY A 18 0.81 15.09 1.29
N GLU A 19 0.81 14.12 0.38
CA GLU A 19 0.51 12.73 0.71
C GLU A 19 1.67 12.13 1.51
N TYR A 20 2.89 12.28 0.97
CA TYR A 20 4.11 11.72 1.57
C TYR A 20 4.96 12.74 2.33
N ILE A 21 5.15 13.92 1.73
CA ILE A 21 5.80 15.05 2.40
C ILE A 21 4.62 15.90 2.91
N LYS A 22 4.29 15.74 4.19
CA LYS A 22 3.11 16.39 4.81
C LYS A 22 3.37 17.89 5.06
N THR A 23 3.32 18.66 3.97
CA THR A 23 3.50 20.10 3.98
C THR A 23 2.38 20.73 3.18
N TRP A 24 1.89 21.88 3.64
CA TRP A 24 0.82 22.60 2.95
C TRP A 24 1.34 23.25 1.65
N ARG A 25 0.50 23.20 0.63
CA ARG A 25 0.79 23.85 -0.65
C ARG A 25 -0.53 24.24 -1.30
N PRO A 26 -0.58 25.41 -1.97
CA PRO A 26 -1.80 25.82 -2.66
C PRO A 26 -1.95 25.04 -3.96
N ARG A 27 -3.18 24.59 -4.22
CA ARG A 27 -3.51 23.84 -5.43
C ARG A 27 -4.87 24.29 -5.92
N TYR A 28 -5.07 24.21 -7.23
CA TYR A 28 -6.33 24.53 -7.88
C TYR A 28 -7.08 23.24 -8.17
N PHE A 29 -8.25 23.08 -7.54
CA PHE A 29 -9.04 21.85 -7.59
C PHE A 29 -10.31 22.02 -8.40
N LEU A 30 -10.65 20.99 -9.18
CA LEU A 30 -11.89 20.86 -9.91
C LEU A 30 -12.58 19.63 -9.37
N LEU A 31 -13.81 19.80 -8.87
CA LEU A 31 -14.69 18.70 -8.54
C LEU A 31 -15.58 18.45 -9.76
N LYS A 32 -15.55 17.22 -10.28
CA LYS A 32 -16.22 16.84 -11.51
C LYS A 32 -17.48 16.05 -11.22
N SER A 33 -18.41 16.06 -12.19
CA SER A 33 -19.72 15.38 -12.08
C SER A 33 -19.63 13.87 -11.85
N ASP A 34 -18.58 13.24 -12.39
CA ASP A 34 -18.28 11.79 -12.20
C ASP A 34 -17.56 11.42 -10.88
N GLY A 35 -17.34 12.40 -9.99
CA GLY A 35 -16.69 12.16 -8.70
C GLY A 35 -15.19 12.39 -8.65
N SER A 36 -14.56 12.66 -9.80
CA SER A 36 -13.16 13.05 -9.83
C SER A 36 -12.95 14.37 -9.10
N PHE A 37 -11.87 14.43 -8.32
CA PHE A 37 -11.46 15.63 -7.62
C PHE A 37 -9.99 15.82 -8.03
N ILE A 38 -9.79 16.79 -8.92
CA ILE A 38 -8.58 16.91 -9.72
C ILE A 38 -7.86 18.18 -9.31
N GLY A 39 -6.56 18.06 -9.00
CA GLY A 39 -5.74 19.15 -8.46
C GLY A 39 -4.60 19.48 -9.41
N TYR A 40 -4.43 20.77 -9.73
CA TYR A 40 -3.30 21.28 -10.51
C TYR A 40 -2.48 22.26 -9.66
N LYS A 41 -1.24 22.48 -10.09
CA LYS A 41 -0.33 23.44 -9.46
C LYS A 41 -0.76 24.88 -9.73
N GLU A 42 -1.14 25.16 -10.98
CA GLU A 42 -1.69 26.47 -11.39
C GLU A 42 -3.09 26.29 -11.98
N ARG A 43 -3.85 27.40 -12.04
CA ARG A 43 -5.19 27.42 -12.65
C ARG A 43 -5.03 27.26 -14.17
N PRO A 44 -5.71 26.24 -14.80
CA PRO A 44 -5.70 26.11 -16.27
C PRO A 44 -6.25 27.33 -17.04
N GLU A 45 -5.46 27.84 -18.00
CA GLU A 45 -5.79 29.05 -18.82
C GLU A 45 -5.48 28.79 -20.30
N PRO A 52 -2.08 18.78 -17.31
CA PRO A 52 -1.46 17.62 -16.65
C PRO A 52 -1.68 17.65 -15.11
N PRO A 53 -2.73 16.95 -14.61
CA PRO A 53 -3.11 17.09 -13.20
C PRO A 53 -2.19 16.34 -12.24
N LEU A 54 -1.89 16.98 -11.10
CA LEU A 54 -1.06 16.40 -10.03
C LEU A 54 -1.85 15.55 -9.01
N ASN A 55 -3.14 15.85 -8.82
CA ASN A 55 -4.04 15.02 -8.00
C ASN A 55 -5.18 14.53 -8.86
N ASN A 56 -5.57 13.28 -8.66
CA ASN A 56 -6.80 12.73 -9.24
C ASN A 56 -7.24 11.53 -8.40
N PHE A 57 -8.29 11.74 -7.60
CA PHE A 57 -8.95 10.67 -6.85
C PHE A 57 -10.46 10.87 -6.87
N SER A 58 -11.18 9.82 -6.48
CA SER A 58 -12.64 9.84 -6.43
C SER A 58 -13.13 10.26 -5.04
N VAL A 59 -14.18 11.09 -5.01
CA VAL A 59 -14.93 11.35 -3.76
C VAL A 59 -16.10 10.39 -3.53
N ALA A 60 -16.33 9.42 -4.43
CA ALA A 60 -17.36 8.39 -4.24
C ALA A 60 -17.14 7.61 -2.93
N GLU A 61 -18.22 7.37 -2.20
CA GLU A 61 -18.19 6.64 -0.92
C GLU A 61 -17.29 7.28 0.18
N CYS A 62 -17.04 8.58 0.10
CA CYS A 62 -16.14 9.26 1.05
C CYS A 62 -16.87 9.68 2.32
N GLN A 63 -16.08 10.01 3.32
CA GLN A 63 -16.53 10.48 4.62
C GLN A 63 -15.82 11.83 4.86
N LEU A 64 -16.62 12.87 5.14
CA LEU A 64 -16.15 14.26 5.29
C LEU A 64 -16.22 14.69 6.74
N MET A 65 -15.15 15.29 7.25
CA MET A 65 -15.10 15.82 8.62
C MET A 65 -14.54 17.24 8.65
N LYS A 66 -15.16 18.09 9.47
CA LYS A 66 -14.58 19.37 9.88
C LYS A 66 -13.56 19.16 10.99
N THR A 67 -12.51 19.99 10.97
CA THR A 67 -11.60 20.14 12.12
C THR A 67 -10.97 21.53 12.13
N GLU A 68 -10.62 21.99 13.32
CA GLU A 68 -9.92 23.28 13.53
C GLU A 68 -8.43 23.15 13.89
N ARG A 69 -7.90 21.92 14.03
CA ARG A 69 -6.50 21.72 14.48
C ARG A 69 -5.77 20.69 13.60
N PRO A 70 -4.53 20.98 13.14
CA PRO A 70 -3.73 22.17 13.46
C PRO A 70 -4.20 23.52 12.85
N ARG A 71 -4.71 23.50 11.62
CA ARG A 71 -5.19 24.72 10.92
C ARG A 71 -6.71 24.90 11.11
N PRO A 72 -7.20 26.12 11.45
CA PRO A 72 -8.66 26.39 11.36
C PRO A 72 -9.17 26.34 9.92
N ASN A 73 -10.45 25.97 9.74
CA ASN A 73 -11.10 25.78 8.42
C ASN A 73 -10.48 24.62 7.59
N THR A 74 -10.06 23.58 8.31
CA THR A 74 -9.54 22.35 7.72
C THR A 74 -10.73 21.40 7.48
N PHE A 75 -10.68 20.65 6.38
CA PHE A 75 -11.58 19.51 6.16
C PHE A 75 -10.81 18.30 5.63
N VAL A 76 -11.30 17.11 5.98
CA VAL A 76 -10.66 15.84 5.64
C VAL A 76 -11.63 15.02 4.80
N ILE A 77 -11.17 14.54 3.65
CA ILE A 77 -11.88 13.56 2.83
C ILE A 77 -11.23 12.21 3.19
N ARG A 78 -12.01 11.32 3.80
CA ARG A 78 -11.57 9.99 4.19
C ARG A 78 -12.31 8.97 3.31
N CYS A 79 -11.58 8.01 2.76
N CYS A 79 -11.56 8.02 2.75
CA CYS A 79 -12.18 6.89 2.05
CA CYS A 79 -12.10 6.94 1.93
C CYS A 79 -11.47 5.61 2.45
C CYS A 79 -11.41 5.62 2.34
N LEU A 80 -12.12 4.50 2.13
CA LEU A 80 -11.57 3.16 2.37
C LEU A 80 -11.07 2.63 1.03
N GLN A 81 -9.78 2.29 0.94
CA GLN A 81 -9.18 1.67 -0.23
C GLN A 81 -8.88 0.22 0.11
N TRP A 82 -9.71 -0.70 -0.39
CA TRP A 82 -9.68 -2.12 -0.06
C TRP A 82 -9.90 -2.34 1.45
N THR A 83 -8.86 -2.49 2.30
CA THR A 83 -9.07 -2.58 3.77
C THR A 83 -8.36 -1.48 4.58
N THR A 84 -7.99 -0.39 3.91
CA THR A 84 -7.06 0.58 4.46
C THR A 84 -7.67 1.95 4.32
N VAL A 85 -7.59 2.74 5.40
CA VAL A 85 -8.14 4.08 5.45
C VAL A 85 -7.13 5.04 4.81
N ILE A 86 -7.62 5.86 3.89
CA ILE A 86 -6.87 6.92 3.21
C ILE A 86 -7.52 8.24 3.59
N GLU A 87 -6.74 9.14 4.17
CA GLU A 87 -7.17 10.51 4.46
C GLU A 87 -6.45 11.50 3.56
N ARG A 88 -7.23 12.44 3.03
CA ARG A 88 -6.73 13.59 2.30
C ARG A 88 -7.22 14.85 2.99
N THR A 89 -6.28 15.74 3.31
CA THR A 89 -6.51 16.86 4.23
C THR A 89 -6.34 18.18 3.49
N PHE A 90 -7.35 19.05 3.66
CA PHE A 90 -7.46 20.33 2.95
C PHE A 90 -7.76 21.47 3.90
N HIS A 91 -7.39 22.67 3.48
CA HIS A 91 -7.58 23.90 4.23
C HIS A 91 -8.08 25.02 3.29
N VAL A 92 -9.07 25.79 3.76
CA VAL A 92 -9.57 27.02 3.10
C VAL A 92 -9.44 28.19 4.08
N ASP A 93 -9.92 29.38 3.71
CA ASP A 93 -9.71 30.63 4.49
C ASP A 93 -10.88 31.07 5.37
N SER A 94 -12.04 30.42 5.28
CA SER A 94 -13.21 30.76 6.13
C SER A 94 -14.15 29.56 6.36
N PRO A 95 -14.98 29.60 7.44
CA PRO A 95 -15.97 28.52 7.67
C PRO A 95 -17.02 28.39 6.56
N ASP A 96 -17.47 29.53 6.01
CA ASP A 96 -18.41 29.56 4.87
C ASP A 96 -17.84 28.89 3.59
N GLU A 97 -16.60 29.22 3.22
CA GLU A 97 -15.89 28.55 2.10
C GLU A 97 -15.79 27.01 2.28
N ARG A 98 -15.47 26.59 3.51
CA ARG A 98 -15.38 25.15 3.85
C ARG A 98 -16.70 24.43 3.68
N GLU A 99 -17.76 25.04 4.21
CA GLU A 99 -19.13 24.51 4.09
C GLU A 99 -19.58 24.34 2.64
N GLU A 100 -19.24 25.31 1.79
CA GLU A 100 -19.57 25.23 0.36
C GLU A 100 -18.84 24.07 -0.33
N TRP A 101 -17.54 23.94 -0.05
CA TRP A 101 -16.76 22.79 -0.53
C TRP A 101 -17.29 21.43 -0.05
N MET A 102 -17.59 21.35 1.24
CA MET A 102 -18.08 20.08 1.83
C MET A 102 -19.45 19.67 1.27
N ARG A 103 -20.35 20.64 1.12
CA ARG A 103 -21.67 20.40 0.52
C ARG A 103 -21.60 20.00 -0.94
N ALA A 104 -20.72 20.64 -1.71
CA ALA A 104 -20.46 20.26 -3.11
C ALA A 104 -19.96 18.83 -3.23
N ILE A 105 -18.93 18.51 -2.43
CA ILE A 105 -18.32 17.16 -2.39
C ILE A 105 -19.37 16.12 -2.00
N GLN A 106 -20.11 16.40 -0.94
CA GLN A 106 -21.16 15.50 -0.47
C GLN A 106 -22.27 15.29 -1.49
N MET A 107 -22.69 16.37 -2.15
CA MET A 107 -23.71 16.30 -3.20
C MET A 107 -23.28 15.37 -4.34
N VAL A 108 -22.02 15.50 -4.78
CA VAL A 108 -21.47 14.64 -5.84
C VAL A 108 -21.41 13.16 -5.39
N ALA A 109 -20.95 12.91 -4.16
CA ALA A 109 -20.91 11.54 -3.59
C ALA A 109 -22.30 10.90 -3.44
N ASN A 110 -23.29 11.68 -3.00
CA ASN A 110 -24.70 11.24 -2.94
C ASN A 110 -25.29 10.87 -4.31
N SER A 111 -24.92 11.65 -5.35
CA SER A 111 -25.47 11.46 -6.71
C SER A 111 -25.00 10.18 -7.41
N LEU A 112 -23.80 9.70 -7.07
CA LEU A 112 -23.26 8.44 -7.61
C LEU A 112 -23.83 7.14 -6.99
N LYS A 113 -24.51 7.25 -5.84
CA LYS A 113 -25.13 6.09 -5.16
C LYS A 113 -26.36 5.55 -5.93
N LYS A 148 -24.98 -15.27 11.02
CA LYS A 148 -24.41 -13.93 11.18
C LYS A 148 -23.15 -13.94 12.06
N VAL A 149 -22.13 -13.22 11.58
CA VAL A 149 -20.81 -13.16 12.21
C VAL A 149 -20.80 -11.95 13.16
N THR A 150 -20.43 -12.19 14.42
CA THR A 150 -20.19 -11.14 15.42
C THR A 150 -18.79 -11.28 16.01
N MET A 151 -18.38 -10.25 16.73
CA MET A 151 -17.11 -10.27 17.49
C MET A 151 -17.03 -11.37 18.57
N ASN A 152 -18.18 -11.80 19.12
CA ASN A 152 -18.23 -12.92 20.09
C ASN A 152 -18.03 -14.32 19.49
N ASP A 153 -17.99 -14.44 18.16
CA ASP A 153 -17.56 -15.68 17.49
C ASP A 153 -16.03 -15.93 17.46
N PHE A 154 -15.22 -15.04 18.05
CA PHE A 154 -13.77 -15.15 18.06
C PHE A 154 -13.16 -15.05 19.46
N ASP A 155 -12.06 -15.76 19.66
CA ASP A 155 -11.13 -15.52 20.78
C ASP A 155 -10.05 -14.57 20.29
N TYR A 156 -9.68 -13.62 21.14
CA TYR A 156 -8.75 -12.54 20.82
C TYR A 156 -7.50 -12.81 21.62
N LEU A 157 -6.40 -13.11 20.91
CA LEU A 157 -5.20 -13.73 21.49
C LEU A 157 -3.98 -12.85 21.70
N LYS A 158 -3.70 -11.96 20.75
CA LYS A 158 -2.42 -11.24 20.69
C LYS A 158 -2.50 -10.05 19.74
N LEU A 159 -1.81 -8.95 20.07
CA LEU A 159 -1.67 -7.82 19.14
C LEU A 159 -0.67 -8.16 18.02
N LEU A 160 -1.05 -7.84 16.78
CA LEU A 160 -0.19 -8.00 15.58
C LEU A 160 0.31 -6.66 15.04
N GLY A 161 -0.54 -5.64 15.06
CA GLY A 161 -0.12 -4.27 14.78
C GLY A 161 -1.11 -3.25 15.32
N LYS A 162 -0.65 -2.01 15.37
CA LYS A 162 -1.54 -0.90 15.70
C LYS A 162 -1.15 0.32 14.93
N GLY A 163 -2.07 1.26 14.89
CA GLY A 163 -1.82 2.56 14.30
C GLY A 163 -2.97 3.47 14.60
N THR A 164 -2.95 4.66 14.00
CA THR A 164 -3.94 5.68 14.30
C THR A 164 -5.41 5.27 14.05
N PHE A 165 -5.65 4.45 13.02
CA PHE A 165 -7.01 4.02 12.62
C PHE A 165 -7.53 2.70 13.21
N GLY A 166 -6.75 2.00 14.03
CA GLY A 166 -7.18 0.76 14.65
C GLY A 166 -6.05 -0.15 15.05
N LYS A 167 -6.37 -1.44 15.17
CA LYS A 167 -5.41 -2.47 15.54
C LYS A 167 -5.71 -3.74 14.78
N VAL A 168 -4.67 -4.57 14.64
CA VAL A 168 -4.80 -5.91 14.10
C VAL A 168 -4.54 -6.88 15.27
N ILE A 169 -5.46 -7.81 15.47
CA ILE A 169 -5.41 -8.77 16.58
C ILE A 169 -5.50 -10.20 16.01
N LEU A 170 -4.56 -11.05 16.43
CA LEU A 170 -4.62 -12.48 16.16
C LEU A 170 -5.85 -13.07 16.85
N VAL A 171 -6.70 -13.74 16.07
CA VAL A 171 -7.92 -14.35 16.54
C VAL A 171 -8.04 -15.81 16.15
N ARG A 172 -8.88 -16.51 16.90
CA ARG A 172 -9.25 -17.91 16.65
C ARG A 172 -10.75 -17.90 16.52
N GLU A 173 -11.27 -18.35 15.38
CA GLU A 173 -12.71 -18.57 15.21
C GLU A 173 -13.08 -19.76 16.12
N LYS A 174 -14.07 -19.56 16.98
CA LYS A 174 -14.39 -20.51 18.06
C LYS A 174 -14.92 -21.85 17.55
N ALA A 175 -15.91 -21.77 16.66
CA ALA A 175 -16.57 -22.95 16.08
C ALA A 175 -15.65 -23.86 15.24
N THR A 176 -14.65 -23.28 14.57
CA THR A 176 -13.72 -24.00 13.68
C THR A 176 -12.28 -24.20 14.21
N GLY A 177 -11.86 -23.38 15.17
CA GLY A 177 -10.47 -23.39 15.66
C GLY A 177 -9.42 -22.85 14.69
N ARG A 178 -9.86 -22.17 13.62
CA ARG A 178 -8.95 -21.64 12.59
C ARG A 178 -8.52 -20.23 13.00
N TYR A 179 -7.25 -19.93 12.75
CA TYR A 179 -6.66 -18.65 13.13
C TYR A 179 -6.75 -17.65 11.98
N TYR A 180 -6.95 -16.39 12.34
CA TYR A 180 -7.06 -15.27 11.41
C TYR A 180 -6.46 -14.02 12.07
N ALA A 181 -6.11 -13.04 11.24
CA ALA A 181 -5.75 -11.70 11.68
C ALA A 181 -7.01 -10.83 11.51
N MET A 182 -7.52 -10.25 12.60
CA MET A 182 -8.67 -9.35 12.51
C MET A 182 -8.15 -7.94 12.58
N LYS A 183 -8.39 -7.16 11.53
CA LYS A 183 -8.05 -5.75 11.46
C LYS A 183 -9.31 -5.03 11.86
N ILE A 184 -9.25 -4.32 12.99
CA ILE A 184 -10.43 -3.68 13.60
C ILE A 184 -10.17 -2.20 13.51
N LEU A 185 -11.05 -1.46 12.83
CA LEU A 185 -10.92 -0.01 12.73
C LEU A 185 -11.65 0.67 13.89
N ARG A 186 -11.17 1.87 14.25
CA ARG A 186 -11.79 2.67 15.30
C ARG A 186 -13.15 3.18 14.87
N LYS A 187 -13.96 3.51 15.88
CA LYS A 187 -15.36 3.89 15.68
C LYS A 187 -15.56 5.13 14.81
N GLU A 188 -14.65 6.11 14.93
CA GLU A 188 -14.55 7.30 14.03
C GLU A 188 -14.67 7.03 12.52
N VAL A 189 -14.20 5.87 12.06
CA VAL A 189 -14.27 5.46 10.65
C VAL A 189 -15.64 4.88 10.38
N ILE A 190 -16.53 5.71 9.83
CA ILE A 190 -17.85 5.29 9.36
C ILE A 190 -17.72 4.92 7.87
N ILE A 191 -18.19 3.71 7.54
CA ILE A 191 -18.23 3.17 6.17
C ILE A 191 -19.66 2.64 5.93
N ALA A 192 -20.19 2.87 4.73
CA ALA A 192 -21.55 2.42 4.37
C ALA A 192 -21.66 0.89 4.26
N LYS A 193 -22.85 0.37 4.57
CA LYS A 193 -23.15 -1.08 4.51
C LYS A 193 -23.02 -1.69 3.11
N ASP A 194 -23.39 -0.93 2.08
CA ASP A 194 -23.18 -1.33 0.67
C ASP A 194 -21.68 -1.46 0.28
N GLU A 195 -20.83 -0.58 0.82
CA GLU A 195 -19.38 -0.61 0.55
C GLU A 195 -18.66 -1.84 1.16
N VAL A 196 -19.01 -2.23 2.39
CA VAL A 196 -18.45 -3.46 3.02
C VAL A 196 -18.91 -4.74 2.29
N ALA A 197 -20.20 -4.81 1.96
CA ALA A 197 -20.76 -5.91 1.14
C ALA A 197 -20.07 -6.06 -0.23
N HIS A 198 -19.70 -4.94 -0.85
CA HIS A 198 -18.98 -4.94 -2.14
C HIS A 198 -17.58 -5.56 -2.03
N THR A 199 -16.85 -5.22 -0.97
CA THR A 199 -15.50 -5.76 -0.72
C THR A 199 -15.53 -7.28 -0.43
N VAL A 200 -16.57 -7.75 0.28
CA VAL A 200 -16.75 -9.20 0.57
C VAL A 200 -17.07 -9.99 -0.71
N THR A 201 -18.00 -9.50 -1.53
CA THR A 201 -18.34 -10.16 -2.82
C THR A 201 -17.13 -10.13 -3.78
N GLU A 202 -16.45 -8.99 -3.88
CA GLU A 202 -15.26 -8.82 -4.75
C GLU A 202 -14.05 -9.69 -4.31
N SER A 203 -13.87 -9.87 -2.99
CA SER A 203 -12.88 -10.84 -2.47
C SER A 203 -13.23 -12.28 -2.88
N ARG A 204 -14.49 -12.65 -2.73
CA ARG A 204 -15.00 -13.98 -3.13
C ARG A 204 -14.92 -14.27 -4.64
N VAL A 205 -15.22 -13.28 -5.48
CA VAL A 205 -15.11 -13.40 -6.97
C VAL A 205 -13.67 -13.72 -7.43
N LEU A 206 -12.67 -13.12 -6.78
CA LEU A 206 -11.24 -13.33 -7.10
C LEU A 206 -10.57 -14.60 -6.50
N GLN A 207 -11.29 -15.41 -5.70
CA GLN A 207 -10.77 -16.71 -5.21
C GLN A 207 -10.55 -17.78 -6.32
N ARG A 210 -6.14 -17.12 -9.14
CA ARG A 210 -4.80 -17.46 -8.64
C ARG A 210 -3.99 -16.21 -8.25
N HIS A 211 -3.83 -15.99 -6.94
CA HIS A 211 -3.00 -14.89 -6.39
C HIS A 211 -2.44 -15.32 -5.01
N PRO A 212 -1.57 -16.35 -5.00
CA PRO A 212 -1.22 -17.04 -3.75
C PRO A 212 -0.38 -16.28 -2.69
N PHE A 213 0.29 -15.19 -3.07
CA PHE A 213 1.23 -14.48 -2.18
C PHE A 213 0.70 -13.19 -1.54
N LEU A 214 -0.61 -12.98 -1.59
CA LEU A 214 -1.29 -11.90 -0.89
C LEU A 214 -2.12 -12.48 0.24
N THR A 215 -2.20 -11.77 1.36
CA THR A 215 -3.12 -12.12 2.44
C THR A 215 -4.56 -11.90 1.93
N ALA A 216 -5.27 -13.00 1.78
CA ALA A 216 -6.66 -13.00 1.35
C ALA A 216 -7.54 -12.41 2.46
N LEU A 217 -8.51 -11.58 2.06
CA LEU A 217 -9.60 -11.16 2.92
C LEU A 217 -10.60 -12.32 2.98
N LYS A 218 -10.84 -12.84 4.18
CA LYS A 218 -11.78 -13.96 4.39
C LYS A 218 -13.22 -13.45 4.58
N TYR A 219 -13.38 -12.40 5.40
CA TYR A 219 -14.68 -11.78 5.68
C TYR A 219 -14.50 -10.34 6.14
N ALA A 220 -15.56 -9.56 6.05
CA ALA A 220 -15.61 -8.24 6.67
C ALA A 220 -17.03 -8.01 7.16
N PHE A 221 -17.16 -7.40 8.35
CA PHE A 221 -18.45 -7.15 9.01
C PHE A 221 -18.40 -5.91 9.89
N GLN A 222 -19.56 -5.31 10.10
CA GLN A 222 -19.72 -4.14 11.00
C GLN A 222 -20.48 -4.55 12.25
N THR A 223 -20.07 -3.98 13.38
CA THR A 223 -20.77 -4.11 14.67
C THR A 223 -21.77 -2.93 14.76
N HIS A 224 -22.18 -2.52 15.97
CA HIS A 224 -22.85 -1.22 16.14
C HIS A 224 -21.94 -0.03 15.74
N ASP A 225 -20.64 -0.14 16.04
CA ASP A 225 -19.68 0.97 15.94
C ASP A 225 -18.48 0.83 14.97
N ARG A 226 -17.99 -0.39 14.75
CA ARG A 226 -16.67 -0.66 14.15
C ARG A 226 -16.73 -1.57 12.92
N LEU A 227 -15.79 -1.35 12.00
CA LEU A 227 -15.60 -2.22 10.83
C LEU A 227 -14.47 -3.18 11.15
N CYS A 228 -14.70 -4.49 10.98
CA CYS A 228 -13.70 -5.55 11.18
C CYS A 228 -13.44 -6.31 9.88
N PHE A 229 -12.17 -6.59 9.59
CA PHE A 229 -11.76 -7.36 8.42
C PHE A 229 -11.06 -8.60 8.93
N VAL A 230 -11.57 -9.78 8.57
CA VAL A 230 -10.96 -11.05 8.94
C VAL A 230 -10.10 -11.46 7.73
N MET A 231 -8.78 -11.59 7.92
CA MET A 231 -7.84 -11.99 6.88
C MET A 231 -6.97 -13.14 7.33
N GLU A 232 -6.30 -13.73 6.35
CA GLU A 232 -5.33 -14.82 6.57
C GLU A 232 -4.15 -14.30 7.38
N TYR A 233 -3.67 -15.15 8.27
CA TYR A 233 -2.47 -14.93 9.05
C TYR A 233 -1.42 -15.94 8.59
N ALA A 234 -0.28 -15.43 8.16
CA ALA A 234 0.90 -16.22 7.84
C ALA A 234 1.59 -16.65 9.14
N ASN A 235 1.82 -17.96 9.29
CA ASN A 235 2.41 -18.56 10.50
C ASN A 235 3.87 -19.02 10.33
N GLY A 236 4.60 -18.44 9.37
CA GLY A 236 6.04 -18.72 9.19
C GLY A 236 6.97 -17.63 9.70
N GLY A 237 6.41 -16.61 10.36
CA GLY A 237 7.19 -15.50 10.88
C GLY A 237 7.46 -14.39 9.90
N GLU A 238 8.03 -13.34 10.46
CA GLU A 238 8.36 -12.10 9.77
C GLU A 238 9.64 -12.31 8.99
N LEU A 239 9.65 -11.86 7.74
CA LEU A 239 10.87 -11.87 6.93
C LEU A 239 11.96 -10.93 7.46
N PHE A 240 11.55 -9.84 8.11
CA PHE A 240 12.44 -8.96 8.87
C PHE A 240 13.21 -9.74 9.93
N PHE A 241 12.51 -10.54 10.74
CA PHE A 241 13.14 -11.43 11.74
C PHE A 241 14.10 -12.45 11.12
N HIS A 242 13.66 -13.16 10.08
CA HIS A 242 14.50 -14.19 9.44
C HIS A 242 15.78 -13.62 8.85
N LEU A 243 15.71 -12.43 8.25
CA LEU A 243 16.91 -11.77 7.75
C LEU A 243 17.85 -11.32 8.86
N SER A 244 17.29 -10.77 9.94
CA SER A 244 18.09 -10.42 11.12
C SER A 244 18.80 -11.63 11.74
N ARG A 245 18.03 -12.71 11.91
CA ARG A 245 18.52 -13.99 12.46
C ARG A 245 19.70 -14.54 11.66
N GLU A 246 19.51 -14.60 10.34
CA GLU A 246 20.53 -15.11 9.41
C GLU A 246 21.54 -14.08 8.90
N ARG A 247 21.29 -12.79 9.12
CA ARG A 247 22.16 -11.64 8.75
C ARG A 247 22.06 -11.26 7.28
N VAL A 248 22.24 -12.27 6.41
CA VAL A 248 22.17 -12.12 4.98
C VAL A 248 21.65 -13.44 4.36
N PHE A 249 20.91 -13.34 3.26
CA PHE A 249 20.52 -14.51 2.48
C PHE A 249 21.48 -14.70 1.33
N THR A 250 21.60 -15.95 0.88
CA THR A 250 22.26 -16.25 -0.41
C THR A 250 21.40 -15.69 -1.56
N GLU A 251 22.02 -15.57 -2.72
CA GLU A 251 21.31 -15.09 -3.92
C GLU A 251 20.13 -15.99 -4.31
N GLU A 252 20.35 -17.31 -4.20
CA GLU A 252 19.32 -18.34 -4.45
C GLU A 252 18.07 -18.12 -3.64
N ARG A 253 18.25 -17.95 -2.33
CA ARG A 253 17.14 -17.70 -1.42
C ARG A 253 16.45 -16.36 -1.67
N ALA A 254 17.25 -15.32 -1.90
CA ALA A 254 16.73 -14.00 -2.26
C ALA A 254 15.97 -14.01 -3.58
N ARG A 255 16.51 -14.73 -4.57
CA ARG A 255 15.83 -14.97 -5.85
C ARG A 255 14.48 -15.62 -5.68
N PHE A 256 14.40 -16.64 -4.81
CA PHE A 256 13.13 -17.31 -4.53
C PHE A 256 12.08 -16.33 -4.00
N TYR A 257 12.41 -15.56 -2.95
CA TYR A 257 11.47 -14.57 -2.40
C TYR A 257 11.18 -13.44 -3.39
N GLY A 258 12.21 -12.99 -4.11
CA GLY A 258 12.05 -11.97 -5.16
C GLY A 258 11.07 -12.38 -6.24
N ALA A 259 11.25 -13.60 -6.73
CA ALA A 259 10.35 -14.21 -7.72
C ALA A 259 8.89 -14.18 -7.27
N GLU A 260 8.63 -14.53 -6.01
CA GLU A 260 7.27 -14.54 -5.48
C GLU A 260 6.69 -13.13 -5.38
N ILE A 261 7.52 -12.17 -4.97
CA ILE A 261 7.12 -10.77 -4.93
C ILE A 261 6.82 -10.26 -6.35
N VAL A 262 7.73 -10.53 -7.29
CA VAL A 262 7.53 -10.15 -8.72
C VAL A 262 6.17 -10.64 -9.24
N SER A 263 5.86 -11.92 -8.98
CA SER A 263 4.59 -12.54 -9.36
C SER A 263 3.37 -11.83 -8.75
N ALA A 264 3.42 -11.57 -7.44
CA ALA A 264 2.37 -10.84 -6.71
C ALA A 264 2.14 -9.45 -7.28
N LEU A 265 3.24 -8.74 -7.58
CA LEU A 265 3.18 -7.41 -8.17
C LEU A 265 2.62 -7.37 -9.57
N GLU A 266 2.98 -8.37 -10.39
CA GLU A 266 2.39 -8.54 -11.72
C GLU A 266 0.87 -8.61 -11.64
N TYR A 267 0.36 -9.43 -10.72
CA TYR A 267 -1.08 -9.56 -10.53
C TYR A 267 -1.76 -8.24 -10.11
N LEU A 268 -1.19 -7.57 -9.11
CA LEU A 268 -1.77 -6.30 -8.59
C LEU A 268 -1.77 -5.19 -9.63
N HIS A 269 -0.64 -5.02 -10.30
CA HIS A 269 -0.49 -4.07 -11.40
C HIS A 269 -1.41 -4.35 -12.57
N SER A 270 -1.64 -5.64 -12.89
CA SER A 270 -2.63 -6.02 -13.93
C SER A 270 -4.08 -5.63 -13.59
N ARG A 271 -4.40 -5.49 -12.31
CA ARG A 271 -5.69 -4.94 -11.85
C ARG A 271 -5.61 -3.45 -11.41
N ASP A 272 -4.58 -2.72 -11.87
CA ASP A 272 -4.38 -1.27 -11.63
C ASP A 272 -4.27 -0.87 -10.16
N VAL A 273 -3.55 -1.70 -9.41
CA VAL A 273 -3.33 -1.53 -7.99
C VAL A 273 -1.84 -1.40 -7.78
N VAL A 274 -1.42 -0.35 -7.10
CA VAL A 274 -0.03 -0.15 -6.66
C VAL A 274 0.01 -0.50 -5.17
N TYR A 275 0.95 -1.36 -4.76
CA TYR A 275 1.07 -1.75 -3.34
C TYR A 275 1.66 -0.62 -2.46
N ARG A 276 2.66 0.08 -3.00
CA ARG A 276 3.27 1.30 -2.40
C ARG A 276 4.26 1.11 -1.25
N ASP A 277 4.14 0.00 -0.51
CA ASP A 277 4.86 -0.23 0.74
C ASP A 277 5.60 -1.59 0.68
N ILE A 278 6.21 -1.90 -0.45
CA ILE A 278 7.07 -3.09 -0.55
C ILE A 278 8.31 -2.81 0.31
N LYS A 279 8.37 -3.50 1.45
CA LYS A 279 9.48 -3.43 2.40
C LYS A 279 9.44 -4.66 3.33
N LEU A 280 10.59 -5.01 3.91
CA LEU A 280 10.74 -6.23 4.75
C LEU A 280 9.65 -6.45 5.79
N GLU A 281 9.26 -5.37 6.46
CA GLU A 281 8.23 -5.34 7.50
C GLU A 281 6.83 -5.80 7.04
N ASN A 282 6.54 -5.65 5.74
CA ASN A 282 5.28 -6.09 5.14
C ASN A 282 5.36 -7.44 4.43
N LEU A 283 6.41 -8.23 4.70
CA LEU A 283 6.59 -9.54 4.10
C LEU A 283 6.72 -10.55 5.23
N MET A 284 5.91 -11.60 5.12
CA MET A 284 5.92 -12.71 6.04
C MET A 284 6.07 -13.96 5.23
N LEU A 285 6.36 -15.05 5.94
CA LEU A 285 6.34 -16.38 5.38
C LEU A 285 5.13 -17.11 5.91
N ASP A 286 4.52 -17.94 5.08
CA ASP A 286 3.49 -18.87 5.54
C ASP A 286 4.19 -20.09 6.17
N LYS A 287 3.40 -21.01 6.69
CA LYS A 287 3.93 -22.26 7.29
C LYS A 287 4.86 -23.10 6.40
N ASP A 288 4.66 -23.03 5.08
CA ASP A 288 5.48 -23.77 4.11
C ASP A 288 6.73 -23.04 3.62
N GLY A 289 6.87 -21.75 3.96
CA GLY A 289 8.01 -20.93 3.59
C GLY A 289 7.84 -20.08 2.35
N HIS A 290 6.61 -19.99 1.81
CA HIS A 290 6.28 -19.09 0.73
C HIS A 290 5.97 -17.70 1.29
N ILE A 291 6.21 -16.67 0.48
CA ILE A 291 5.93 -15.25 0.80
C ILE A 291 4.43 -14.96 0.97
N LYS A 292 4.09 -14.13 1.95
CA LYS A 292 2.78 -13.48 2.03
C LYS A 292 3.07 -11.99 2.18
N ILE A 293 2.54 -11.19 1.25
CA ILE A 293 2.51 -9.73 1.37
C ILE A 293 1.30 -9.38 2.27
N THR A 294 1.53 -8.58 3.30
CA THR A 294 0.51 -8.27 4.29
C THR A 294 -0.40 -7.10 3.90
N ASP A 295 -1.53 -7.00 4.60
CA ASP A 295 -2.52 -5.94 4.40
C ASP A 295 -3.01 -5.41 5.76
N PHE A 296 -2.03 -5.03 6.60
CA PHE A 296 -2.25 -4.61 7.98
C PHE A 296 -2.09 -3.11 8.22
N GLY A 297 -2.11 -2.31 7.14
CA GLY A 297 -1.97 -0.85 7.23
C GLY A 297 -3.04 -0.18 8.07
N LEU A 298 -2.60 0.54 9.11
CA LEU A 298 -3.45 1.33 10.00
C LEU A 298 -2.96 2.76 10.28
N CYS A 299 -1.93 3.19 9.56
CA CYS A 299 -1.19 4.41 9.84
C CYS A 299 -1.49 5.41 8.75
N LYS A 300 -1.32 6.70 9.08
CA LYS A 300 -1.26 7.76 8.06
C LYS A 300 0.01 7.59 7.24
N GLU A 301 -0.08 7.89 5.94
CA GLU A 301 1.07 7.81 5.04
C GLU A 301 2.04 8.97 5.29
N GLY A 302 3.31 8.75 4.97
CA GLY A 302 4.29 9.83 4.86
C GLY A 302 4.88 10.41 6.14
N ILE A 303 5.39 11.63 6.01
CA ILE A 303 6.40 12.23 6.91
C ILE A 303 6.29 13.77 6.87
N SER A 304 6.68 14.43 7.97
CA SER A 304 6.62 15.91 8.09
C SER A 304 7.49 16.64 7.06
N ASP A 305 8.73 16.18 6.95
CA ASP A 305 9.68 16.66 5.93
C ASP A 305 10.77 15.60 5.68
N GLY A 306 11.76 15.90 4.83
CA GLY A 306 12.89 15.00 4.56
C GLY A 306 13.83 14.66 5.73
N ALA A 307 13.85 15.49 6.77
CA ALA A 307 14.65 15.24 7.99
C ALA A 307 14.11 14.09 8.84
N THR A 308 12.79 14.05 9.05
CA THR A 308 12.11 13.03 9.87
C THR A 308 11.56 11.87 9.03
N MET A 309 12.44 10.95 8.64
CA MET A 309 12.06 9.72 7.92
C MET A 309 12.00 8.52 8.87
N PRO A 316 13.99 2.96 9.24
CA PRO A 316 14.19 4.01 8.22
C PRO A 316 13.61 3.60 6.87
N GLU A 317 12.66 4.40 6.36
CA GLU A 317 11.93 4.12 5.11
C GLU A 317 12.65 4.69 3.86
N TYR A 318 12.79 3.86 2.84
CA TYR A 318 13.42 4.25 1.57
C TYR A 318 12.32 4.48 0.54
N LEU A 319 11.68 5.64 0.63
CA LEU A 319 10.67 6.03 -0.35
C LEU A 319 11.33 6.29 -1.71
N ALA A 320 10.59 5.98 -2.78
CA ALA A 320 11.08 6.10 -4.15
C ALA A 320 11.46 7.57 -4.43
N PRO A 321 12.55 7.81 -5.20
CA PRO A 321 12.96 9.18 -5.53
C PRO A 321 11.81 10.09 -6.01
N GLU A 322 11.01 9.57 -6.93
CA GLU A 322 9.84 10.30 -7.45
C GLU A 322 8.82 10.70 -6.38
N VAL A 323 8.66 9.86 -5.35
CA VAL A 323 7.83 10.19 -4.18
C VAL A 323 8.45 11.35 -3.39
N LEU A 324 9.75 11.25 -3.11
CA LEU A 324 10.49 12.30 -2.38
C LEU A 324 10.54 13.62 -3.13
N GLU A 325 10.69 13.55 -4.45
CA GLU A 325 10.62 14.73 -5.34
C GLU A 325 9.24 15.38 -5.46
N ASP A 326 8.19 14.66 -5.06
CA ASP A 326 6.78 15.12 -5.07
C ASP A 326 6.23 15.18 -6.52
N ASN A 327 6.57 14.13 -7.28
CA ASN A 327 6.30 14.02 -8.72
C ASN A 327 5.15 13.02 -8.94
N ASP A 328 4.81 12.83 -10.21
CA ASP A 328 3.87 11.77 -10.62
C ASP A 328 4.50 10.41 -10.32
N TYR A 329 3.92 9.70 -9.35
CA TYR A 329 4.34 8.34 -9.01
C TYR A 329 3.26 7.33 -9.41
N GLY A 330 3.67 6.08 -9.63
CA GLY A 330 2.74 5.00 -9.96
C GLY A 330 3.33 3.63 -9.66
N ARG A 331 3.02 2.66 -10.50
CA ARG A 331 3.49 1.27 -10.31
C ARG A 331 5.01 1.07 -10.17
N ALA A 332 5.82 1.98 -10.74
CA ALA A 332 7.29 1.90 -10.63
C ALA A 332 7.85 2.01 -9.20
N VAL A 333 7.10 2.62 -8.26
CA VAL A 333 7.52 2.63 -6.85
C VAL A 333 7.66 1.23 -6.24
N ASP A 334 6.85 0.28 -6.72
CA ASP A 334 6.93 -1.12 -6.24
C ASP A 334 8.19 -1.82 -6.70
N TRP A 335 8.70 -1.44 -7.89
CA TRP A 335 9.96 -2.00 -8.40
C TRP A 335 11.15 -1.45 -7.65
N TRP A 336 11.10 -0.16 -7.31
CA TRP A 336 12.03 0.44 -6.34
C TRP A 336 12.03 -0.29 -5.00
N GLY A 337 10.83 -0.47 -4.44
CA GLY A 337 10.66 -1.20 -3.19
C GLY A 337 11.27 -2.58 -3.23
N LEU A 338 11.00 -3.31 -4.31
CA LEU A 338 11.62 -4.63 -4.53
C LEU A 338 13.13 -4.55 -4.59
N GLY A 339 13.65 -3.53 -5.28
CA GLY A 339 15.08 -3.24 -5.29
C GLY A 339 15.71 -3.11 -3.91
N VAL A 340 15.03 -2.36 -3.04
CA VAL A 340 15.53 -2.10 -1.67
C VAL A 340 15.51 -3.37 -0.81
N VAL A 341 14.41 -4.12 -0.89
CA VAL A 341 14.24 -5.42 -0.17
C VAL A 341 15.29 -6.45 -0.60
N MET A 342 15.48 -6.57 -1.91
CA MET A 342 16.46 -7.51 -2.46
C MET A 342 17.89 -7.10 -2.15
N TYR A 343 18.17 -5.79 -2.18
CA TYR A 343 19.46 -5.28 -1.71
C TYR A 343 19.72 -5.72 -0.26
N GLU A 344 18.73 -5.49 0.61
CA GLU A 344 18.80 -5.91 2.01
C GLU A 344 19.03 -7.38 2.19
N MET A 345 18.27 -8.19 1.44
CA MET A 345 18.38 -9.67 1.49
C MET A 345 19.77 -10.16 1.12
N MET A 346 20.31 -9.60 0.04
CA MET A 346 21.58 -10.08 -0.54
C MET A 346 22.83 -9.44 0.07
N CYS A 347 22.72 -8.20 0.54
CA CYS A 347 23.83 -7.49 1.24
C CYS A 347 23.79 -7.54 2.78
N GLY A 348 22.60 -7.74 3.36
CA GLY A 348 22.43 -7.75 4.82
C GLY A 348 22.28 -6.38 5.50
N ARG A 349 22.06 -5.33 4.71
CA ARG A 349 22.01 -3.95 5.19
C ARG A 349 21.26 -3.08 4.16
N LEU A 350 20.74 -1.93 4.58
CA LEU A 350 20.11 -0.97 3.64
C LEU A 350 21.20 -0.25 2.82
N PRO A 351 20.85 0.30 1.62
CA PRO A 351 21.82 0.97 0.73
C PRO A 351 22.74 2.07 1.31
N PHE A 352 22.21 2.91 2.21
CA PHE A 352 22.99 4.02 2.81
C PHE A 352 23.29 3.87 4.31
N TYR A 353 23.62 2.64 4.73
CA TYR A 353 24.00 2.34 6.14
C TYR A 353 25.30 3.09 6.54
N ARG A 359 20.47 12.69 6.63
CA ARG A 359 20.81 12.89 5.22
C ARG A 359 20.13 11.99 4.16
N LEU A 360 19.22 11.10 4.56
CA LEU A 360 18.69 10.07 3.66
C LEU A 360 17.86 10.61 2.47
N PHE A 361 17.16 11.72 2.69
CA PHE A 361 16.43 12.45 1.62
C PHE A 361 17.39 12.84 0.48
N GLU A 362 18.50 13.48 0.84
CA GLU A 362 19.55 13.85 -0.12
C GLU A 362 20.21 12.64 -0.81
N LEU A 363 20.49 11.59 -0.03
CA LEU A 363 21.17 10.39 -0.52
C LEU A 363 20.37 9.63 -1.55
N ILE A 364 19.08 9.48 -1.27
CA ILE A 364 18.14 8.87 -2.22
C ILE A 364 18.02 9.72 -3.51
N LEU A 365 17.98 11.05 -3.39
CA LEU A 365 17.85 11.92 -4.57
C LEU A 365 19.13 12.04 -5.39
N MET A 366 20.29 12.12 -4.72
CA MET A 366 21.56 12.50 -5.39
C MET A 366 22.67 11.46 -5.47
N GLU A 367 22.70 10.45 -4.60
CA GLU A 367 23.89 9.60 -4.49
C GLU A 367 23.66 8.19 -5.03
N GLU A 368 24.73 7.60 -5.57
CA GLU A 368 24.67 6.32 -6.23
C GLU A 368 24.80 5.22 -5.18
N ILE A 369 23.98 4.19 -5.34
CA ILE A 369 23.94 3.03 -4.46
C ILE A 369 25.16 2.14 -4.83
N ARG A 370 25.99 1.83 -3.83
CA ARG A 370 27.19 1.00 -4.00
C ARG A 370 26.87 -0.46 -3.67
N PHE A 371 27.58 -1.37 -4.36
CA PHE A 371 27.38 -2.81 -4.23
C PHE A 371 28.59 -3.50 -3.62
N PRO A 372 28.38 -4.52 -2.74
CA PRO A 372 29.53 -5.34 -2.33
C PRO A 372 30.10 -6.10 -3.52
N ARG A 373 31.42 -6.27 -3.52
CA ARG A 373 32.16 -7.01 -4.55
C ARG A 373 31.72 -8.48 -4.64
N THR A 374 31.30 -9.06 -3.51
CA THR A 374 30.83 -10.45 -3.45
C THR A 374 29.51 -10.74 -4.18
N LEU A 375 28.69 -9.71 -4.43
CA LEU A 375 27.50 -9.87 -5.29
C LEU A 375 27.92 -10.28 -6.69
N SER A 376 27.14 -11.20 -7.28
CA SER A 376 27.36 -11.65 -8.65
C SER A 376 27.03 -10.50 -9.64
N PRO A 377 27.60 -10.53 -10.87
CA PRO A 377 27.25 -9.51 -11.89
C PRO A 377 25.76 -9.36 -12.19
N GLU A 378 25.05 -10.48 -12.27
CA GLU A 378 23.59 -10.51 -12.48
C GLU A 378 22.76 -9.90 -11.33
N ALA A 379 23.16 -10.17 -10.09
CA ALA A 379 22.55 -9.54 -8.90
C ALA A 379 22.76 -8.03 -8.93
N LYS A 380 24.01 -7.63 -9.14
CA LYS A 380 24.42 -6.20 -9.30
C LYS A 380 23.57 -5.47 -10.35
N SER A 381 23.42 -6.13 -11.51
CA SER A 381 22.61 -5.62 -12.63
C SER A 381 21.13 -5.47 -12.31
N LEU A 382 20.54 -6.49 -11.69
CA LEU A 382 19.15 -6.43 -11.24
C LEU A 382 18.92 -5.26 -10.30
N LEU A 383 19.76 -5.16 -9.27
CA LEU A 383 19.60 -4.10 -8.25
C LEU A 383 19.79 -2.71 -8.84
N ALA A 384 20.83 -2.54 -9.68
CA ALA A 384 21.08 -1.27 -10.41
C ALA A 384 19.87 -0.84 -11.23
N GLY A 385 19.20 -1.79 -11.88
CA GLY A 385 18.01 -1.52 -12.69
C GLY A 385 16.80 -1.12 -11.87
N LEU A 386 16.52 -1.89 -10.84
CA LEU A 386 15.40 -1.61 -9.91
C LEU A 386 15.59 -0.32 -9.09
N LEU A 387 16.83 0.07 -8.79
CA LEU A 387 17.14 1.30 -8.03
C LEU A 387 17.51 2.51 -8.89
N LYS A 388 17.14 2.51 -10.19
CA LYS A 388 17.26 3.71 -11.03
C LYS A 388 16.35 4.77 -10.44
N LYS A 389 16.85 6.01 -10.39
CA LYS A 389 16.12 7.11 -9.80
C LYS A 389 14.94 7.55 -10.66
N ASP A 390 15.14 7.60 -11.98
CA ASP A 390 14.10 7.92 -12.94
C ASP A 390 13.20 6.68 -13.10
N PRO A 391 11.88 6.79 -12.78
CA PRO A 391 10.98 5.66 -12.93
C PRO A 391 10.71 5.21 -14.38
N LYS A 392 10.85 6.12 -15.36
CA LYS A 392 10.85 5.73 -16.78
C LYS A 392 12.07 4.85 -17.19
N GLN A 393 13.23 5.05 -16.55
CA GLN A 393 14.44 4.24 -16.80
C GLN A 393 14.56 2.98 -15.96
N ARG A 394 13.68 2.80 -14.97
CA ARG A 394 13.78 1.74 -13.98
C ARG A 394 13.27 0.43 -14.56
N LEU A 395 13.95 -0.66 -14.19
CA LEU A 395 13.51 -2.01 -14.53
C LEU A 395 12.11 -2.22 -13.95
N GLY A 396 11.18 -2.60 -14.82
CA GLY A 396 9.76 -2.63 -14.49
C GLY A 396 8.96 -1.37 -14.77
N GLY A 397 9.64 -0.28 -15.10
CA GLY A 397 8.99 1.02 -15.33
C GLY A 397 8.39 1.22 -16.71
N GLY A 398 8.73 0.35 -17.66
CA GLY A 398 8.22 0.39 -19.02
C GLY A 398 6.83 -0.21 -19.17
N PRO A 399 6.27 -0.18 -20.42
CA PRO A 399 4.92 -0.70 -20.72
C PRO A 399 4.64 -2.18 -20.38
N SER A 400 5.66 -3.03 -20.45
CA SER A 400 5.52 -4.47 -20.15
C SER A 400 5.57 -4.78 -18.64
N ASP A 401 6.03 -3.81 -17.83
CA ASP A 401 5.89 -3.82 -16.38
C ASP A 401 6.70 -5.01 -15.81
N ALA A 402 6.05 -5.98 -15.16
CA ALA A 402 6.73 -7.10 -14.50
C ALA A 402 7.50 -8.02 -15.47
N LYS A 403 7.03 -8.14 -16.72
CA LYS A 403 7.73 -8.91 -17.77
C LYS A 403 9.22 -8.53 -17.96
N GLU A 404 9.51 -7.23 -17.91
CA GLU A 404 10.91 -6.72 -17.90
C GLU A 404 11.74 -7.32 -16.76
N VAL A 405 11.14 -7.35 -15.57
CA VAL A 405 11.80 -7.88 -14.37
C VAL A 405 11.92 -9.41 -14.51
N MET A 406 10.84 -10.05 -14.95
CA MET A 406 10.82 -11.51 -15.16
C MET A 406 11.86 -12.00 -16.17
N GLU A 407 12.15 -11.19 -17.19
CA GLU A 407 13.13 -11.50 -18.24
C GLU A 407 14.60 -11.14 -17.90
N HIS A 408 14.85 -10.51 -16.77
CA HIS A 408 16.19 -10.12 -16.38
C HIS A 408 17.07 -11.36 -16.12
N ARG A 409 18.36 -11.24 -16.46
CA ARG A 409 19.39 -12.30 -16.35
C ARG A 409 19.36 -13.06 -14.99
N PHE A 410 19.39 -12.30 -13.90
CA PHE A 410 19.14 -12.77 -12.53
C PHE A 410 18.04 -13.86 -12.36
N PHE A 411 16.90 -13.68 -13.03
CA PHE A 411 15.78 -14.64 -12.97
C PHE A 411 15.70 -15.68 -14.10
N LEU A 412 16.76 -15.87 -14.90
CA LEU A 412 16.65 -16.77 -16.07
C LEU A 412 16.32 -18.23 -15.72
N SER A 413 16.75 -18.70 -14.53
CA SER A 413 16.40 -20.04 -14.02
C SER A 413 14.95 -20.20 -13.50
N ILE A 414 14.17 -19.13 -13.42
CA ILE A 414 12.81 -19.16 -12.87
C ILE A 414 11.82 -19.66 -13.92
N ASN A 415 11.08 -20.70 -13.56
CA ASN A 415 9.87 -21.10 -14.23
C ASN A 415 8.73 -20.29 -13.58
N TRP A 416 8.18 -19.32 -14.32
CA TRP A 416 7.14 -18.42 -13.79
C TRP A 416 5.74 -19.02 -13.64
N GLN A 417 5.46 -20.07 -14.42
CA GLN A 417 4.26 -20.92 -14.24
C GLN A 417 4.29 -21.65 -12.89
N ASP A 418 5.45 -22.22 -12.53
CA ASP A 418 5.61 -22.90 -11.23
C ASP A 418 5.55 -21.91 -10.06
N VAL A 419 6.02 -20.67 -10.26
CA VAL A 419 5.95 -19.61 -9.24
C VAL A 419 4.50 -19.36 -8.84
N VAL A 420 3.67 -18.95 -9.80
CA VAL A 420 2.27 -18.59 -9.54
C VAL A 420 1.39 -19.77 -9.06
N GLN A 421 1.75 -21.00 -9.48
CA GLN A 421 1.12 -22.23 -8.98
C GLN A 421 1.65 -22.74 -7.62
N LYS A 422 2.55 -21.98 -6.98
CA LYS A 422 3.09 -22.27 -5.64
C LYS A 422 3.88 -23.61 -5.64
N LYS A 423 4.49 -23.92 -6.79
CA LYS A 423 5.17 -25.21 -7.06
C LYS A 423 6.71 -25.17 -6.97
N LEU A 424 7.33 -23.99 -7.02
CA LEU A 424 8.77 -23.84 -6.68
C LEU A 424 8.95 -24.20 -5.21
N LEU A 425 9.84 -25.15 -4.92
CA LEU A 425 10.02 -25.66 -3.56
C LEU A 425 10.82 -24.63 -2.75
N PRO A 426 10.35 -24.23 -1.54
CA PRO A 426 11.12 -23.23 -0.77
C PRO A 426 12.49 -23.73 -0.24
N PRO A 427 13.54 -22.88 -0.31
CA PRO A 427 14.85 -23.26 0.22
C PRO A 427 14.94 -23.26 1.75
N PHE A 428 14.03 -22.55 2.42
CA PHE A 428 13.92 -22.51 3.88
C PHE A 428 12.48 -22.85 4.27
N LYS A 429 12.30 -23.79 5.19
CA LYS A 429 10.99 -24.10 5.80
C LYS A 429 11.01 -23.56 7.23
N PRO A 430 10.11 -22.61 7.56
CA PRO A 430 10.13 -22.11 8.95
C PRO A 430 9.84 -23.22 9.96
N GLN A 431 10.44 -23.12 11.14
CA GLN A 431 10.19 -24.08 12.21
C GLN A 431 8.71 -24.02 12.60
N VAL A 432 8.15 -25.19 12.89
CA VAL A 432 6.71 -25.35 13.12
C VAL A 432 6.43 -24.77 14.51
N THR A 433 5.78 -23.61 14.54
CA THR A 433 5.31 -22.97 15.77
C THR A 433 3.83 -23.19 15.93
N SER A 434 3.35 -23.10 17.18
CA SER A 434 1.93 -22.74 17.44
C SER A 434 1.65 -21.34 16.87
N GLU A 435 0.38 -21.01 16.73
CA GLU A 435 -0.03 -19.75 16.11
C GLU A 435 0.26 -18.52 16.99
N VAL A 436 0.04 -18.67 18.29
CA VAL A 436 0.40 -17.65 19.29
C VAL A 436 1.92 -17.36 19.46
N ASP A 437 2.78 -18.36 19.25
CA ASP A 437 4.24 -18.21 19.47
C ASP A 437 4.94 -17.35 18.42
#